data_1QBJ
#
_entry.id   1QBJ
#
_cell.length_a   85.900
_cell.length_b   85.900
_cell.length_c   71.300
_cell.angle_alpha   90.00
_cell.angle_beta   90.00
_cell.angle_gamma   90.00
#
_symmetry.space_group_name_H-M   'P 4 21 2'
#
loop_
_entity.id
_entity.type
_entity.pdbx_description
1 polymer "DNA (5'-D(*TP*CP*GP*CP*GP*CP*G)-3')"
2 polymer 'PROTEIN (DOUBLE-STRANDED RNA SPECIFIC ADENOSINE DEAMINASE (ADAR1))'
3 water water
#
loop_
_entity_poly.entity_id
_entity_poly.type
_entity_poly.pdbx_seq_one_letter_code
_entity_poly.pdbx_strand_id
1 'polydeoxyribonucleotide' (DT)(DC)(DG)(DC)(DG)(DC)(DG) D,E,F
2 'polypeptide(L)'
;GSHMLSIYQDQEQRILKFLEELGEGKATTAHDLSGKLGTPKKEINRVLYSLAKKGKLQKEAGTPPLWKIAVSTQAWNQHS
G
;
A,B,C
#
loop_
_chem_comp.id
_chem_comp.type
_chem_comp.name
_chem_comp.formula
DC DNA linking 2'-DEOXYCYTIDINE-5'-MONOPHOSPHATE 'C9 H14 N3 O7 P'
DG DNA linking 2'-DEOXYGUANOSINE-5'-MONOPHOSPHATE 'C10 H14 N5 O7 P'
DT DNA linking THYMIDINE-5'-MONOPHOSPHATE 'C10 H15 N2 O8 P'
#
# COMPACT_ATOMS: atom_id res chain seq x y z
N SER D 6 -18.87 11.72 26.61
CA SER D 6 -17.57 11.14 26.28
C SER D 6 -16.96 11.80 25.05
N ILE D 7 -15.68 11.50 24.80
CA ILE D 7 -14.97 12.06 23.64
C ILE D 7 -15.57 11.48 22.36
N TYR D 8 -15.94 10.20 22.42
CA TYR D 8 -16.53 9.51 21.27
C TYR D 8 -17.85 10.15 20.86
N GLN D 9 -18.66 10.50 21.86
CA GLN D 9 -19.94 11.14 21.61
C GLN D 9 -19.75 12.56 21.09
N ASP D 10 -18.66 13.21 21.52
CA ASP D 10 -18.34 14.55 21.05
C ASP D 10 -18.06 14.51 19.55
N GLN D 11 -17.22 13.55 19.14
CA GLN D 11 -16.85 13.38 17.74
C GLN D 11 -18.05 13.00 16.88
N GLU D 12 -18.99 12.25 17.46
CA GLU D 12 -20.20 11.86 16.73
C GLU D 12 -21.01 13.13 16.45
N GLN D 13 -21.19 13.94 17.49
CA GLN D 13 -21.93 15.19 17.39
C GLN D 13 -21.30 16.18 16.43
N ARG D 14 -19.97 16.23 16.40
CA ARG D 14 -19.26 17.15 15.52
C ARG D 14 -19.39 16.72 14.06
N ILE D 15 -19.37 15.41 13.82
CA ILE D 15 -19.52 14.86 12.48
C ILE D 15 -20.93 15.09 11.94
N LEU D 16 -21.93 14.78 12.76
CA LEU D 16 -23.32 14.95 12.37
C LEU D 16 -23.62 16.40 12.05
N LYS D 17 -23.08 17.32 12.85
CA LYS D 17 -23.30 18.74 12.65
C LYS D 17 -22.68 19.18 11.32
N PHE D 18 -21.50 18.64 11.00
CA PHE D 18 -20.81 18.98 9.75
C PHE D 18 -21.63 18.52 8.54
N LEU D 19 -22.07 17.26 8.57
CA LEU D 19 -22.84 16.71 7.46
C LEU D 19 -24.22 17.38 7.33
N GLU D 20 -24.77 17.81 8.47
CA GLU D 20 -26.06 18.49 8.49
C GLU D 20 -25.97 19.88 7.88
N GLU D 21 -24.82 20.54 8.09
CA GLU D 21 -24.57 21.87 7.55
C GLU D 21 -24.28 21.82 6.06
N LEU D 22 -23.54 20.80 5.64
CA LEU D 22 -23.18 20.60 4.25
C LEU D 22 -24.47 20.52 3.42
N GLY D 23 -25.32 19.55 3.74
CA GLY D 23 -26.56 19.35 3.02
C GLY D 23 -26.96 17.91 3.17
N GLU D 24 -28.25 17.63 3.41
CA GLU D 24 -28.69 16.25 3.59
C GLU D 24 -28.41 15.31 2.42
N GLY D 25 -28.41 15.86 1.20
CA GLY D 25 -28.14 15.05 0.03
C GLY D 25 -26.75 15.29 -0.55
N LYS D 26 -25.88 15.90 0.24
CA LYS D 26 -24.50 16.18 -0.19
C LYS D 26 -23.56 15.33 0.63
N ALA D 27 -22.63 14.67 -0.06
CA ALA D 27 -21.68 13.78 0.61
C ALA D 27 -20.23 14.18 0.50
N THR D 28 -19.43 13.77 1.48
CA THR D 28 -18.00 14.05 1.51
C THR D 28 -17.23 12.84 2.01
N THR D 29 -15.91 12.86 1.83
CA THR D 29 -15.05 11.76 2.25
C THR D 29 -14.64 11.85 3.71
N ALA D 30 -14.16 10.72 4.25
CA ALA D 30 -13.70 10.66 5.63
C ALA D 30 -12.45 11.51 5.76
N HIS D 31 -11.67 11.58 4.67
CA HIS D 31 -10.45 12.35 4.62
C HIS D 31 -10.79 13.83 4.83
N ASP D 32 -11.83 14.30 4.15
CA ASP D 32 -12.27 15.68 4.27
C ASP D 32 -12.75 15.94 5.70
N LEU D 33 -13.51 15.00 6.27
CA LEU D 33 -14.02 15.12 7.64
C LEU D 33 -12.85 15.22 8.62
N SER D 34 -11.87 14.35 8.42
CA SER D 34 -10.67 14.29 9.26
C SER D 34 -9.90 15.61 9.25
N GLY D 35 -9.75 16.19 8.07
CA GLY D 35 -9.03 17.45 7.95
C GLY D 35 -9.78 18.62 8.55
N LYS D 36 -11.05 18.75 8.17
CA LYS D 36 -11.89 19.84 8.65
C LYS D 36 -12.08 19.86 10.18
N LEU D 37 -12.23 18.68 10.78
CA LEU D 37 -12.43 18.58 12.22
C LEU D 37 -11.14 18.45 13.02
N GLY D 38 -10.05 18.13 12.34
CA GLY D 38 -8.77 17.97 13.02
C GLY D 38 -8.73 16.71 13.86
N THR D 39 -9.36 15.66 13.35
CA THR D 39 -9.40 14.38 14.06
C THR D 39 -8.85 13.31 13.14
N PRO D 40 -8.03 12.38 13.67
CA PRO D 40 -7.45 11.29 12.87
C PRO D 40 -8.51 10.58 12.03
N LYS D 41 -8.20 10.31 10.77
CA LYS D 41 -9.14 9.66 9.85
C LYS D 41 -9.65 8.34 10.39
N LYS D 42 -8.79 7.67 11.16
CA LYS D 42 -9.10 6.39 11.77
C LYS D 42 -10.27 6.49 12.76
N GLU D 43 -10.33 7.61 13.47
CA GLU D 43 -11.40 7.85 14.44
C GLU D 43 -12.65 8.33 13.72
N ILE D 44 -12.45 9.05 12.61
CA ILE D 44 -13.56 9.56 11.82
C ILE D 44 -14.29 8.37 11.22
N ASN D 45 -13.53 7.43 10.67
CA ASN D 45 -14.10 6.24 10.05
C ASN D 45 -14.76 5.31 11.06
N ARG D 46 -14.16 5.16 12.24
CA ARG D 46 -14.74 4.31 13.28
C ARG D 46 -16.12 4.87 13.63
N VAL D 47 -16.23 6.19 13.68
CA VAL D 47 -17.50 6.85 13.99
C VAL D 47 -18.46 6.81 12.79
N LEU D 48 -17.92 7.01 11.59
CA LEU D 48 -18.72 7.00 10.37
C LEU D 48 -19.42 5.67 10.11
N TYR D 49 -18.68 4.57 10.21
CA TYR D 49 -19.22 3.23 10.00
C TYR D 49 -20.17 2.85 11.12
N SER D 50 -19.91 3.39 12.32
CA SER D 50 -20.75 3.13 13.48
C SER D 50 -22.10 3.79 13.27
N LEU D 51 -22.08 5.06 12.87
CA LEU D 51 -23.31 5.81 12.62
C LEU D 51 -24.09 5.21 11.46
N ALA D 52 -23.38 4.76 10.42
CA ALA D 52 -24.01 4.14 9.26
C ALA D 52 -24.70 2.84 9.67
N LYS D 53 -24.12 2.15 10.65
CA LYS D 53 -24.67 0.91 11.16
C LYS D 53 -25.93 1.21 11.97
N LYS D 54 -25.98 2.41 12.56
CA LYS D 54 -27.13 2.86 13.35
C LYS D 54 -28.15 3.56 12.43
N GLY D 55 -27.91 3.50 11.12
CA GLY D 55 -28.82 4.11 10.15
C GLY D 55 -28.90 5.63 10.08
N LYS D 56 -28.10 6.33 10.86
CA LYS D 56 -28.11 7.80 10.87
C LYS D 56 -27.39 8.43 9.69
N LEU D 57 -26.47 7.68 9.09
CA LEU D 57 -25.70 8.15 7.95
C LEU D 57 -25.81 7.17 6.79
N GLN D 58 -25.72 7.69 5.58
CA GLN D 58 -25.78 6.85 4.39
C GLN D 58 -24.40 6.80 3.74
N LYS D 59 -23.91 5.59 3.52
CA LYS D 59 -22.61 5.39 2.90
C LYS D 59 -22.77 5.11 1.41
N GLU D 60 -22.18 5.97 0.59
CA GLU D 60 -22.22 5.80 -0.85
C GLU D 60 -21.07 4.91 -1.28
N ALA D 61 -21.41 3.82 -1.94
CA ALA D 61 -20.43 2.84 -2.42
C ALA D 61 -19.38 3.48 -3.32
N GLY D 62 -18.12 3.28 -2.97
CA GLY D 62 -17.05 3.84 -3.77
C GLY D 62 -15.68 3.78 -3.11
N THR D 63 -14.71 4.44 -3.72
CA THR D 63 -13.36 4.46 -3.22
C THR D 63 -12.69 5.80 -3.53
N PRO D 64 -12.58 6.69 -2.52
CA PRO D 64 -13.07 6.45 -1.16
C PRO D 64 -14.58 6.59 -1.02
N PRO D 65 -15.18 6.00 0.03
CA PRO D 65 -16.62 6.07 0.27
C PRO D 65 -17.08 7.49 0.59
N LEU D 66 -18.25 7.87 0.07
CA LEU D 66 -18.82 9.18 0.33
C LEU D 66 -19.82 9.06 1.47
N TRP D 67 -19.94 10.10 2.29
CA TRP D 67 -20.86 10.06 3.44
C TRP D 67 -21.82 11.25 3.49
N LYS D 68 -23.05 10.98 3.91
CA LYS D 68 -24.10 12.00 4.00
C LYS D 68 -25.14 11.64 5.05
N ILE D 69 -25.90 12.63 5.51
CA ILE D 69 -26.95 12.38 6.50
C ILE D 69 -28.03 11.56 5.79
N ALA D 70 -28.46 10.47 6.42
CA ALA D 70 -29.47 9.60 5.83
C ALA D 70 -30.88 10.22 5.93
N TYR E 8 14.97 -1.59 10.19
CA TYR E 8 14.26 -2.33 9.15
C TYR E 8 15.02 -3.60 8.76
N GLN E 9 16.34 -3.49 8.60
CA GLN E 9 17.18 -4.66 8.27
C GLN E 9 17.11 -5.50 9.53
N ASP E 10 17.02 -4.78 10.65
CA ASP E 10 16.90 -5.28 12.00
C ASP E 10 15.80 -6.34 12.07
N GLN E 11 14.55 -5.87 11.96
CA GLN E 11 13.36 -6.73 12.02
C GLN E 11 13.23 -7.73 10.88
N GLU E 12 13.64 -7.30 9.68
CA GLU E 12 13.55 -8.13 8.48
C GLU E 12 14.33 -9.44 8.56
N GLN E 13 15.48 -9.42 9.21
CA GLN E 13 16.32 -10.60 9.36
C GLN E 13 15.77 -11.54 10.45
N ARG E 14 15.07 -10.98 11.41
CA ARG E 14 14.49 -11.75 12.50
C ARG E 14 13.35 -12.63 11.99
N ILE E 15 12.53 -12.07 11.11
CA ILE E 15 11.39 -12.79 10.52
C ILE E 15 11.87 -13.88 9.56
N LEU E 16 12.91 -13.55 8.80
CA LEU E 16 13.49 -14.47 7.84
C LEU E 16 14.10 -15.65 8.60
N LYS E 17 14.69 -15.35 9.75
CA LYS E 17 15.31 -16.39 10.59
C LYS E 17 14.26 -17.34 11.16
N PHE E 18 13.20 -16.77 11.73
CA PHE E 18 12.12 -17.57 12.33
C PHE E 18 11.51 -18.55 11.33
N LEU E 19 11.13 -18.03 10.17
CA LEU E 19 10.50 -18.84 9.11
C LEU E 19 11.45 -19.90 8.56
N GLU E 20 12.75 -19.64 8.64
CA GLU E 20 13.75 -20.59 8.17
C GLU E 20 13.90 -21.70 9.21
N GLU E 21 14.05 -21.30 10.48
CA GLU E 21 14.19 -22.25 11.58
C GLU E 21 12.92 -23.08 11.68
N LEU E 22 11.85 -22.53 11.13
CA LEU E 22 10.55 -23.17 11.10
C LEU E 22 10.58 -24.26 10.04
N GLY E 23 11.24 -23.98 8.92
CA GLY E 23 11.31 -24.96 7.86
C GLY E 23 10.67 -24.33 6.65
N GLU E 24 11.40 -24.36 5.54
CA GLU E 24 10.93 -23.78 4.28
C GLU E 24 9.56 -24.29 3.84
N GLY E 25 9.26 -25.55 4.16
CA GLY E 25 7.98 -26.13 3.77
C GLY E 25 6.78 -25.70 4.61
N LYS E 26 7.03 -25.28 5.85
CA LYS E 26 6.01 -24.85 6.79
C LYS E 26 5.72 -23.33 6.66
N ALA E 27 4.46 -22.91 6.79
CA ALA E 27 4.07 -21.49 6.70
C ALA E 27 3.33 -21.03 7.95
N THR E 28 3.38 -19.74 8.25
CA THR E 28 2.69 -19.22 9.44
C THR E 28 2.07 -17.84 9.23
N THR E 29 1.28 -17.39 10.21
CA THR E 29 0.59 -16.10 10.13
C THR E 29 1.39 -14.93 10.73
N ALA E 30 0.95 -13.72 10.38
CA ALA E 30 1.58 -12.50 10.89
C ALA E 30 1.27 -12.36 12.37
N HIS E 31 0.08 -12.83 12.77
CA HIS E 31 -0.35 -12.79 14.15
C HIS E 31 0.54 -13.68 15.02
N ASP E 32 0.97 -14.81 14.46
CA ASP E 32 1.86 -15.74 15.16
C ASP E 32 3.23 -15.10 15.30
N LEU E 33 3.77 -14.60 14.19
CA LEU E 33 5.08 -13.93 14.18
C LEU E 33 5.08 -12.76 15.16
N SER E 34 3.95 -12.06 15.23
CA SER E 34 3.79 -10.91 16.11
C SER E 34 3.98 -11.27 17.59
N GLY E 35 3.38 -12.39 18.00
CA GLY E 35 3.50 -12.84 19.38
C GLY E 35 4.84 -13.49 19.68
N LYS E 36 5.26 -14.39 18.80
CA LYS E 36 6.52 -15.10 18.96
C LYS E 36 7.72 -14.17 19.05
N LEU E 37 7.81 -13.20 18.14
CA LEU E 37 8.92 -12.24 18.12
C LEU E 37 8.70 -11.06 19.04
N GLY E 38 7.48 -10.94 19.57
CA GLY E 38 7.16 -9.83 20.47
C GLY E 38 7.14 -8.49 19.76
N THR E 39 6.72 -8.51 18.49
CA THR E 39 6.67 -7.30 17.67
C THR E 39 5.25 -7.10 17.13
N PRO E 40 4.74 -5.85 17.16
CA PRO E 40 3.41 -5.48 16.68
C PRO E 40 3.10 -6.02 15.29
N LYS E 41 1.87 -6.51 15.11
CA LYS E 41 1.45 -7.09 13.84
C LYS E 41 1.50 -6.07 12.70
N LYS E 42 1.26 -4.81 13.02
CA LYS E 42 1.28 -3.76 12.01
C LYS E 42 2.60 -3.78 11.24
N GLU E 43 3.72 -3.89 11.96
CA GLU E 43 4.99 -3.91 11.27
C GLU E 43 5.52 -5.28 10.87
N ILE E 44 4.95 -6.33 11.43
CA ILE E 44 5.33 -7.68 11.04
C ILE E 44 4.81 -7.76 9.60
N ASN E 45 3.64 -7.17 9.38
CA ASN E 45 3.03 -7.15 8.07
C ASN E 45 3.73 -6.25 7.07
N ARG E 46 4.29 -5.12 7.52
CA ARG E 46 4.99 -4.22 6.61
C ARG E 46 6.21 -4.95 6.05
N VAL E 47 6.91 -5.66 6.92
CA VAL E 47 8.10 -6.43 6.54
C VAL E 47 7.74 -7.63 5.67
N LEU E 48 6.72 -8.38 6.08
CA LEU E 48 6.28 -9.56 5.35
C LEU E 48 5.89 -9.23 3.91
N TYR E 49 5.05 -8.22 3.74
CA TYR E 49 4.62 -7.84 2.40
C TYR E 49 5.79 -7.33 1.57
N SER E 50 6.75 -6.69 2.22
CA SER E 50 7.94 -6.17 1.53
C SER E 50 8.79 -7.35 1.05
N LEU E 51 9.06 -8.28 1.97
CA LEU E 51 9.85 -9.47 1.69
C LEU E 51 9.22 -10.35 0.61
N ALA E 52 7.88 -10.33 0.55
CA ALA E 52 7.16 -11.11 -0.44
C ALA E 52 7.33 -10.47 -1.81
N LYS E 53 7.32 -9.13 -1.84
CA LYS E 53 7.49 -8.37 -3.07
C LYS E 53 8.92 -8.54 -3.60
N LYS E 54 9.88 -8.65 -2.67
CA LYS E 54 11.29 -8.85 -2.99
C LYS E 54 11.58 -10.29 -3.40
N GLY E 55 10.57 -11.14 -3.32
CA GLY E 55 10.73 -12.54 -3.69
C GLY E 55 11.39 -13.41 -2.63
N LYS E 56 11.76 -12.83 -1.49
CA LYS E 56 12.40 -13.58 -0.40
C LYS E 56 11.39 -14.47 0.33
N LEU E 57 10.13 -14.09 0.29
CA LEU E 57 9.05 -14.84 0.94
C LEU E 57 7.92 -15.15 -0.03
N GLN E 58 7.12 -16.15 0.31
CA GLN E 58 5.96 -16.57 -0.47
C GLN E 58 4.71 -16.39 0.36
N LYS E 59 3.75 -15.63 -0.16
CA LYS E 59 2.50 -15.44 0.56
C LYS E 59 1.49 -16.43 0.00
N GLU E 60 0.81 -17.13 0.90
CA GLU E 60 -0.19 -18.10 0.53
C GLU E 60 -1.56 -17.47 0.76
N ALA E 61 -2.32 -17.35 -0.33
CA ALA E 61 -3.64 -16.74 -0.30
C ALA E 61 -4.56 -17.33 0.77
N GLY E 62 -5.31 -16.45 1.44
CA GLY E 62 -6.23 -16.87 2.47
C GLY E 62 -6.56 -15.75 3.45
N THR E 63 -7.31 -16.10 4.50
CA THR E 63 -7.70 -15.15 5.53
C THR E 63 -7.55 -15.83 6.89
N PRO E 64 -6.45 -15.54 7.62
CA PRO E 64 -5.35 -14.65 7.23
C PRO E 64 -4.34 -15.32 6.29
N PRO E 65 -3.52 -14.50 5.60
CA PRO E 65 -2.51 -15.02 4.66
C PRO E 65 -1.43 -15.82 5.39
N LEU E 66 -0.91 -16.84 4.72
CA LEU E 66 0.15 -17.66 5.30
C LEU E 66 1.49 -17.23 4.69
N TRP E 67 2.54 -17.21 5.50
CA TRP E 67 3.86 -16.77 5.03
C TRP E 67 4.96 -17.79 5.25
N LYS E 68 5.76 -18.01 4.21
CA LYS E 68 6.87 -18.96 4.27
C LYS E 68 8.05 -18.50 3.44
N ILE E 69 9.20 -19.14 3.67
CA ILE E 69 10.42 -18.82 2.92
C ILE E 69 10.19 -19.32 1.49
N ALA E 70 10.42 -18.44 0.52
CA ALA E 70 10.23 -18.81 -0.89
C ALA E 70 11.11 -19.98 -1.30
N SER F 6 -5.33 -4.08 -18.59
CA SER F 6 -4.95 -3.04 -17.64
C SER F 6 -3.96 -2.08 -18.27
N ILE F 7 -4.17 -0.79 -18.03
CA ILE F 7 -3.29 0.24 -18.58
C ILE F 7 -1.98 0.32 -17.78
N TYR F 8 -2.05 0.06 -16.48
CA TYR F 8 -0.85 0.08 -15.64
C TYR F 8 0.06 -1.05 -16.10
N GLN F 9 -0.56 -2.19 -16.41
CA GLN F 9 0.17 -3.35 -16.90
C GLN F 9 0.81 -3.05 -18.25
N ASP F 10 0.05 -2.38 -19.12
CA ASP F 10 0.57 -2.02 -20.44
C ASP F 10 1.82 -1.17 -20.28
N GLN F 11 1.74 -0.18 -19.39
CA GLN F 11 2.86 0.73 -19.13
C GLN F 11 4.05 0.01 -18.52
N GLU F 12 3.80 -1.04 -17.75
CA GLU F 12 4.86 -1.84 -17.13
C GLU F 12 5.62 -2.59 -18.22
N GLN F 13 4.85 -3.23 -19.11
CA GLN F 13 5.42 -4.00 -20.20
C GLN F 13 6.11 -3.12 -21.23
N ARG F 14 5.65 -1.86 -21.36
CA ARG F 14 6.27 -0.94 -22.31
C ARG F 14 7.62 -0.49 -21.77
N ILE F 15 7.73 -0.41 -20.45
CA ILE F 15 8.97 0.00 -19.81
C ILE F 15 9.98 -1.15 -19.96
N LEU F 16 9.53 -2.38 -19.69
CA LEU F 16 10.40 -3.55 -19.82
C LEU F 16 10.87 -3.73 -21.25
N LYS F 17 9.95 -3.57 -22.20
CA LYS F 17 10.25 -3.70 -23.61
C LYS F 17 11.30 -2.68 -24.04
N PHE F 18 11.12 -1.43 -23.60
CA PHE F 18 12.04 -0.33 -23.93
C PHE F 18 13.45 -0.65 -23.43
N LEU F 19 13.55 -1.05 -22.17
CA LEU F 19 14.83 -1.37 -21.56
C LEU F 19 15.49 -2.60 -22.19
N GLU F 20 14.67 -3.51 -22.71
CA GLU F 20 15.19 -4.71 -23.36
C GLU F 20 15.79 -4.37 -24.72
N GLU F 21 15.10 -3.52 -25.47
CA GLU F 21 15.58 -3.11 -26.78
C GLU F 21 16.82 -2.25 -26.64
N LEU F 22 16.87 -1.46 -25.56
CA LEU F 22 18.00 -0.60 -25.25
C LEU F 22 19.21 -1.52 -25.05
N GLY F 23 18.96 -2.65 -24.39
CA GLY F 23 20.01 -3.63 -24.14
C GLY F 23 20.30 -3.89 -22.68
N GLU F 24 20.52 -5.15 -22.34
CA GLU F 24 20.84 -5.52 -20.96
C GLU F 24 22.16 -4.89 -20.58
N GLY F 25 22.21 -4.24 -19.42
CA GLY F 25 23.43 -3.58 -18.99
C GLY F 25 23.43 -2.11 -19.37
N LYS F 26 22.48 -1.74 -20.22
CA LYS F 26 22.32 -0.36 -20.69
C LYS F 26 21.30 0.33 -19.78
N ALA F 27 21.66 1.51 -19.29
CA ALA F 27 20.75 2.24 -18.41
C ALA F 27 20.23 3.54 -19.01
N THR F 28 19.12 4.01 -18.45
CA THR F 28 18.50 5.26 -18.86
C THR F 28 17.74 5.85 -17.66
N THR F 29 17.33 7.10 -17.78
CA THR F 29 16.62 7.77 -16.69
C THR F 29 15.10 7.70 -16.82
N ALA F 30 14.41 8.00 -15.71
CA ALA F 30 12.95 8.00 -15.67
C ALA F 30 12.47 9.10 -16.58
N HIS F 31 13.25 10.17 -16.67
CA HIS F 31 12.93 11.31 -17.52
C HIS F 31 12.88 10.85 -18.98
N ASP F 32 13.88 10.09 -19.39
CA ASP F 32 13.94 9.59 -20.77
C ASP F 32 12.78 8.63 -21.05
N LEU F 33 12.54 7.70 -20.13
CA LEU F 33 11.44 6.74 -20.26
C LEU F 33 10.14 7.49 -20.46
N SER F 34 9.89 8.44 -19.56
CA SER F 34 8.70 9.27 -19.59
C SER F 34 8.49 9.96 -20.94
N GLY F 35 9.57 10.54 -21.47
CA GLY F 35 9.48 11.22 -22.75
C GLY F 35 9.20 10.29 -23.91
N LYS F 36 9.99 9.22 -24.01
CA LYS F 36 9.85 8.25 -25.10
C LYS F 36 8.49 7.55 -25.12
N LEU F 37 7.98 7.23 -23.94
CA LEU F 37 6.71 6.54 -23.82
C LEU F 37 5.49 7.45 -23.67
N GLY F 38 5.72 8.75 -23.46
CA GLY F 38 4.62 9.68 -23.30
C GLY F 38 3.79 9.37 -22.06
N THR F 39 4.47 8.90 -21.02
CA THR F 39 3.83 8.56 -19.76
C THR F 39 4.42 9.48 -18.71
N PRO F 40 3.59 10.01 -17.80
CA PRO F 40 4.05 10.92 -16.74
C PRO F 40 5.19 10.30 -15.93
N LYS F 41 6.23 11.09 -15.66
CA LYS F 41 7.39 10.61 -14.91
C LYS F 41 6.99 10.03 -13.55
N LYS F 42 5.87 10.52 -13.01
CA LYS F 42 5.36 10.04 -11.73
C LYS F 42 5.01 8.56 -11.84
N GLU F 43 4.30 8.19 -12.91
CA GLU F 43 3.92 6.80 -13.11
C GLU F 43 5.14 5.96 -13.47
N ILE F 44 6.03 6.52 -14.30
CA ILE F 44 7.23 5.81 -14.71
C ILE F 44 8.03 5.42 -13.45
N ASN F 45 8.19 6.36 -12.54
CA ASN F 45 8.93 6.12 -11.30
C ASN F 45 8.25 5.16 -10.33
N ARG F 46 6.92 5.23 -10.23
CA ARG F 46 6.20 4.30 -9.34
C ARG F 46 6.46 2.88 -9.84
N VAL F 47 6.53 2.73 -11.16
CA VAL F 47 6.79 1.43 -11.77
C VAL F 47 8.26 1.00 -11.63
N LEU F 48 9.18 1.92 -11.93
CA LEU F 48 10.62 1.61 -11.84
C LEU F 48 11.02 1.17 -10.43
N TYR F 49 10.58 1.91 -9.42
CA TYR F 49 10.90 1.57 -8.03
C TYR F 49 10.24 0.27 -7.60
N SER F 50 9.11 -0.06 -8.22
CA SER F 50 8.38 -1.30 -7.91
C SER F 50 9.12 -2.52 -8.46
N LEU F 51 9.47 -2.45 -9.73
CA LEU F 51 10.18 -3.53 -10.42
C LEU F 51 11.58 -3.74 -9.84
N ALA F 52 12.20 -2.67 -9.38
CA ALA F 52 13.53 -2.74 -8.77
C ALA F 52 13.44 -3.45 -7.44
N LYS F 53 12.31 -3.28 -6.75
CA LYS F 53 12.09 -3.93 -5.46
C LYS F 53 11.88 -5.42 -5.67
N LYS F 54 11.24 -5.77 -6.79
CA LYS F 54 10.99 -7.17 -7.16
C LYS F 54 12.27 -7.83 -7.64
N GLY F 55 13.24 -7.02 -8.05
CA GLY F 55 14.49 -7.55 -8.55
C GLY F 55 14.46 -7.66 -10.07
N LYS F 56 13.39 -7.19 -10.69
CA LYS F 56 13.23 -7.23 -12.15
C LYS F 56 14.20 -6.23 -12.80
N LEU F 57 14.37 -5.08 -12.13
CA LEU F 57 15.24 -4.01 -12.60
C LEU F 57 16.31 -3.69 -11.58
N GLN F 58 17.36 -3.02 -12.03
CA GLN F 58 18.43 -2.62 -11.15
C GLN F 58 18.59 -1.10 -11.18
N LYS F 59 18.67 -0.52 -10.00
CA LYS F 59 18.80 0.92 -9.86
C LYS F 59 20.25 1.33 -9.62
N GLU F 60 20.76 2.23 -10.45
CA GLU F 60 22.12 2.73 -10.32
C GLU F 60 22.02 4.11 -9.64
N ALA F 61 22.58 4.21 -8.44
CA ALA F 61 22.54 5.46 -7.66
C ALA F 61 23.04 6.67 -8.43
N GLY F 62 22.41 7.81 -8.18
CA GLY F 62 22.81 9.03 -8.85
C GLY F 62 21.73 10.09 -8.83
N THR F 63 22.01 11.19 -9.51
CA THR F 63 21.06 12.30 -9.59
C THR F 63 21.04 12.72 -11.06
N PRO F 64 20.03 12.24 -11.83
CA PRO F 64 18.98 11.33 -11.38
C PRO F 64 19.43 9.88 -11.35
N PRO F 65 18.63 8.98 -10.79
CA PRO F 65 19.01 7.56 -10.74
C PRO F 65 18.94 6.97 -12.14
N LEU F 66 19.78 5.97 -12.41
CA LEU F 66 19.79 5.30 -13.70
C LEU F 66 19.12 3.94 -13.51
N TRP F 67 18.43 3.45 -14.53
CA TRP F 67 17.72 2.18 -14.44
C TRP F 67 18.07 1.28 -15.60
N LYS F 68 18.18 -0.02 -15.33
CA LYS F 68 18.52 -0.96 -16.38
C LYS F 68 18.13 -2.41 -16.07
N ILE F 69 18.18 -3.23 -17.11
CA ILE F 69 17.92 -4.65 -16.99
C ILE F 69 19.32 -5.18 -16.69
N ALA F 70 19.49 -5.86 -15.56
CA ALA F 70 20.79 -6.40 -15.20
C ALA F 70 21.03 -7.72 -15.93
N VAL F 71 22.24 -7.89 -16.48
CA VAL F 71 22.60 -9.11 -17.19
C VAL F 71 23.02 -10.19 -16.20
#